data_3OOU
#
_entry.id   3OOU
#
_cell.length_a   51.891
_cell.length_b   51.891
_cell.length_c   75.384
_cell.angle_alpha   90.00
_cell.angle_beta   90.00
_cell.angle_gamma   120.00
#
_symmetry.space_group_name_H-M   'P 31 2 1'
#
loop_
_entity.id
_entity.type
_entity.pdbx_description
1 polymer 'Lin2118 protein'
2 non-polymer 1,2-ETHANEDIOL
3 non-polymer 2-[BIS-(2-HYDROXY-ETHYL)-AMINO]-2-HYDROXYMETHYL-PROPANE-1,3-DIOL
4 water water
#
_entity_poly.entity_id   1
_entity_poly.type   'polypeptide(L)'
_entity_poly.pdbx_seq_one_letter_code
;ESKSPIIQNVLSYITEHFSEG(MSE)SLKTLGNDFHINAVYLGQLFQKE(MSE)GEHFTDYLNRYRVNYAKEELLQTKDN
LTIIAGKSGYTD(MSE)AYFYRQFKKHTGETPNRYRKIHQ
;
_entity_poly.pdbx_strand_id   A
#
# COMPACT_ATOMS: atom_id res chain seq x y z
N SER A 4 -7.93 -4.24 22.45
CA SER A 4 -7.46 -4.11 21.04
C SER A 4 -5.94 -3.99 20.98
N PRO A 5 -5.24 -5.10 20.68
CA PRO A 5 -3.79 -5.02 20.44
C PRO A 5 -3.45 -3.97 19.38
N ILE A 6 -2.30 -3.32 19.57
CA ILE A 6 -1.82 -2.27 18.67
C ILE A 6 -1.81 -2.70 17.20
N ILE A 7 -1.35 -3.93 16.96
CA ILE A 7 -1.28 -4.46 15.60
CA ILE A 7 -1.29 -4.49 15.60
C ILE A 7 -2.65 -4.47 14.91
N GLN A 8 -3.70 -4.83 15.65
CA GLN A 8 -5.05 -4.81 15.08
C GLN A 8 -5.47 -3.41 14.67
N ASN A 9 -5.19 -2.42 15.52
CA ASN A 9 -5.51 -1.02 15.22
C ASN A 9 -4.80 -0.48 13.99
N VAL A 10 -3.53 -0.83 13.84
CA VAL A 10 -2.73 -0.45 12.67
C VAL A 10 -3.27 -1.10 11.40
N LEU A 11 -3.55 -2.40 11.47
CA LEU A 11 -4.08 -3.11 10.31
C LEU A 11 -5.40 -2.51 9.84
N SER A 12 -6.28 -2.21 10.79
CA SER A 12 -7.56 -1.59 10.48
C SER A 12 -7.38 -0.17 9.93
N TYR A 13 -6.44 0.58 10.50
CA TYR A 13 -6.10 1.93 10.03
C TYR A 13 -5.67 1.96 8.56
N ILE A 14 -4.84 1.00 8.17
CA ILE A 14 -4.40 0.88 6.77
C ILE A 14 -5.60 0.81 5.81
N THR A 15 -6.61 0.00 6.16
CA THR A 15 -7.82 -0.16 5.34
CA THR A 15 -7.80 -0.15 5.32
C THR A 15 -8.58 1.15 5.14
N GLU A 16 -8.59 1.99 6.19
CA GLU A 16 -9.30 3.27 6.16
C GLU A 16 -8.54 4.37 5.42
N HIS A 17 -7.21 4.28 5.40
CA HIS A 17 -6.38 5.40 4.99
C HIS A 17 -5.29 5.07 3.98
N PHE A 18 -5.36 3.89 3.37
CA PHE A 18 -4.26 3.42 2.49
C PHE A 18 -3.88 4.39 1.36
N SER A 19 -4.82 5.21 0.91
CA SER A 19 -4.56 6.12 -0.19
C SER A 19 -3.88 7.43 0.21
N GLU A 20 -3.80 7.69 1.52
CA GLU A 20 -3.12 8.89 1.97
CA GLU A 20 -3.15 8.87 2.07
C GLU A 20 -1.67 8.62 2.32
N GLY A 21 -0.89 9.68 2.47
CA GLY A 21 0.51 9.56 2.84
C GLY A 21 0.58 8.86 4.18
N SER A 23 3.33 6.38 6.77
CA SER A 23 4.59 5.74 7.07
C SER A 23 4.58 5.33 8.53
N LEU A 24 5.61 4.60 8.96
CA LEU A 24 5.77 4.33 10.38
C LEU A 24 5.82 5.63 11.19
N LYS A 25 6.43 6.67 10.65
CA LYS A 25 6.53 7.95 11.36
C LYS A 25 5.15 8.62 11.50
N THR A 26 4.36 8.64 10.43
CA THR A 26 3.03 9.28 10.53
C THR A 26 2.12 8.46 11.46
N LEU A 27 2.21 7.13 11.37
CA LEU A 27 1.44 6.26 12.25
C LEU A 27 1.85 6.42 13.69
N GLY A 28 3.15 6.52 13.94
CA GLY A 28 3.66 6.72 15.29
C GLY A 28 3.13 8.01 15.88
N ASN A 29 3.09 9.05 15.06
CA ASN A 29 2.55 10.34 15.51
C ASN A 29 1.06 10.24 15.78
N ASP A 30 0.31 9.59 14.88
CA ASP A 30 -1.14 9.44 15.03
C ASP A 30 -1.51 8.60 16.25
N PHE A 31 -0.73 7.55 16.50
CA PHE A 31 -1.02 6.63 17.60
C PHE A 31 -0.29 6.98 18.91
N HIS A 32 0.60 7.97 18.85
CA HIS A 32 1.47 8.34 19.98
C HIS A 32 2.23 7.12 20.49
N ILE A 33 2.84 6.40 19.55
CA ILE A 33 3.65 5.22 19.89
C ILE A 33 4.95 5.32 19.11
N ASN A 34 6.04 4.93 19.76
CA ASN A 34 7.36 4.95 19.17
C ASN A 34 7.37 4.26 17.80
N ALA A 35 7.84 4.99 16.78
CA ALA A 35 7.80 4.49 15.39
C ALA A 35 8.69 3.27 15.15
N VAL A 36 9.89 3.26 15.73
CA VAL A 36 10.77 2.09 15.64
C VAL A 36 10.08 0.85 16.22
N TYR A 37 9.49 1.00 17.41
CA TYR A 37 8.78 -0.11 18.04
C TYR A 37 7.62 -0.58 17.16
N LEU A 38 6.85 0.37 16.63
CA LEU A 38 5.76 0.01 15.73
C LEU A 38 6.26 -0.85 14.56
N GLY A 39 7.38 -0.46 13.95
CA GLY A 39 7.96 -1.24 12.86
C GLY A 39 8.38 -2.63 13.29
N GLN A 40 8.97 -2.72 14.48
CA GLN A 40 9.44 -4.01 15.01
C GLN A 40 8.30 -4.95 15.34
N LEU A 41 7.27 -4.40 15.99
CA LEU A 41 6.08 -5.16 16.32
C LEU A 41 5.40 -5.65 15.04
N PHE A 42 5.35 -4.78 14.04
CA PHE A 42 4.78 -5.15 12.74
C PHE A 42 5.56 -6.29 12.09
N GLN A 43 6.89 -6.16 12.04
CA GLN A 43 7.75 -7.20 11.49
CA GLN A 43 7.76 -7.19 11.49
C GLN A 43 7.57 -8.52 12.23
N LYS A 44 7.48 -8.46 13.55
CA LYS A 44 7.28 -9.65 14.37
C LYS A 44 5.97 -10.35 14.07
N GLU A 45 4.88 -9.60 14.06
CA GLU A 45 3.53 -10.19 13.97
C GLU A 45 3.10 -10.53 12.55
N GLY A 47 5.45 -10.78 9.85
CA GLY A 47 6.52 -11.50 9.15
C GLY A 47 7.18 -10.76 8.00
N GLU A 48 6.90 -9.47 7.89
CA GLU A 48 7.47 -8.63 6.83
C GLU A 48 7.47 -7.18 7.28
N HIS A 49 8.21 -6.34 6.57
CA HIS A 49 8.24 -4.91 6.86
C HIS A 49 6.88 -4.28 6.61
N PHE A 50 6.55 -3.29 7.43
CA PHE A 50 5.36 -2.47 7.24
C PHE A 50 5.23 -1.99 5.79
N THR A 51 6.31 -1.48 5.22
CA THR A 51 6.20 -0.92 3.87
C THR A 51 5.89 -1.99 2.82
N ASP A 52 6.38 -3.21 3.03
CA ASP A 52 6.07 -4.30 2.10
C ASP A 52 4.59 -4.72 2.16
N TYR A 53 4.05 -4.77 3.38
CA TYR A 53 2.61 -5.03 3.55
C TYR A 53 1.79 -3.93 2.90
N LEU A 54 2.18 -2.67 3.14
CA LEU A 54 1.45 -1.54 2.59
C LEU A 54 1.49 -1.50 1.06
N ASN A 55 2.67 -1.77 0.49
CA ASN A 55 2.80 -1.84 -0.96
C ASN A 55 1.91 -2.93 -1.58
N ARG A 56 1.90 -4.14 -1.00
CA ARG A 56 1.04 -5.19 -1.54
CA ARG A 56 1.02 -5.20 -1.49
C ARG A 56 -0.43 -4.75 -1.48
N TYR A 57 -0.83 -4.13 -0.37
CA TYR A 57 -2.20 -3.67 -0.18
C TYR A 57 -2.58 -2.64 -1.25
N ARG A 58 -1.70 -1.67 -1.46
CA ARG A 58 -1.93 -0.61 -2.44
C ARG A 58 -1.93 -1.13 -3.87
N VAL A 59 -1.00 -2.05 -4.17
CA VAL A 59 -0.94 -2.62 -5.51
C VAL A 59 -2.18 -3.45 -5.82
N ASN A 60 -2.70 -4.15 -4.81
CA ASN A 60 -3.94 -4.91 -5.01
C ASN A 60 -5.11 -4.02 -5.39
N TYR A 61 -5.17 -2.83 -4.81
CA TYR A 61 -6.18 -1.86 -5.22
C TYR A 61 -5.93 -1.39 -6.66
N ALA A 62 -4.68 -0.99 -6.94
CA ALA A 62 -4.32 -0.44 -8.23
C ALA A 62 -4.64 -1.40 -9.37
N LYS A 63 -4.36 -2.68 -9.16
CA LYS A 63 -4.55 -3.67 -10.22
C LYS A 63 -6.02 -3.87 -10.56
N GLU A 64 -6.91 -3.71 -9.58
CA GLU A 64 -8.33 -3.79 -9.87
CA GLU A 64 -8.36 -3.76 -9.80
C GLU A 64 -8.81 -2.51 -10.53
N GLU A 65 -8.33 -1.36 -10.07
CA GLU A 65 -8.73 -0.07 -10.64
C GLU A 65 -8.33 0.03 -12.11
N LEU A 66 -7.21 -0.58 -12.47
CA LEU A 66 -6.71 -0.59 -13.85
C LEU A 66 -7.60 -1.38 -14.79
N LEU A 67 -8.35 -2.31 -14.24
CA LEU A 67 -9.22 -3.14 -15.05
C LEU A 67 -10.64 -2.61 -15.05
N GLN A 68 -11.03 -1.98 -13.95
CA GLN A 68 -12.40 -1.49 -13.81
C GLN A 68 -12.63 -0.16 -14.49
N THR A 69 -11.54 0.57 -14.74
CA THR A 69 -11.63 1.89 -15.36
C THR A 69 -10.68 1.99 -16.55
N LYS A 70 -10.91 3.00 -17.38
CA LYS A 70 -9.97 3.37 -18.42
C LYS A 70 -9.28 4.67 -18.03
N ASP A 71 -9.31 4.97 -16.74
CA ASP A 71 -8.70 6.17 -16.21
C ASP A 71 -7.18 6.12 -16.36
N ASN A 72 -6.58 7.30 -16.32
CA ASN A 72 -5.16 7.46 -16.49
C ASN A 72 -4.34 6.74 -15.41
N LEU A 73 -3.24 6.12 -15.84
CA LEU A 73 -2.40 5.30 -14.98
C LEU A 73 -1.77 6.05 -13.79
N THR A 74 -1.24 7.24 -14.06
CA THR A 74 -0.69 8.10 -13.03
C THR A 74 -1.79 8.52 -12.05
N ILE A 75 -2.98 8.80 -12.56
CA ILE A 75 -4.13 9.13 -11.71
CA ILE A 75 -4.06 9.16 -11.64
C ILE A 75 -4.49 7.94 -10.81
N ILE A 76 -4.46 6.74 -11.39
CA ILE A 76 -4.77 5.53 -10.62
C ILE A 76 -3.73 5.26 -9.52
N ALA A 77 -2.45 5.48 -9.84
CA ALA A 77 -1.38 5.36 -8.86
C ALA A 77 -1.63 6.33 -7.69
N GLY A 78 -2.06 7.54 -8.02
CA GLY A 78 -2.38 8.54 -6.99
C GLY A 78 -3.50 8.06 -6.09
N LYS A 79 -4.55 7.49 -6.68
CA LYS A 79 -5.68 6.98 -5.92
C LYS A 79 -5.30 5.79 -5.06
N SER A 80 -4.20 5.14 -5.40
CA SER A 80 -3.73 3.94 -4.70
C SER A 80 -2.72 4.29 -3.59
N GLY A 81 -2.38 5.56 -3.47
CA GLY A 81 -1.45 6.01 -2.45
C GLY A 81 -0.02 6.26 -2.87
N TYR A 82 0.22 6.39 -4.18
CA TYR A 82 1.57 6.66 -4.70
C TYR A 82 1.69 8.06 -5.28
N THR A 83 2.76 8.75 -4.89
CA THR A 83 3.10 10.04 -5.48
C THR A 83 4.40 9.96 -6.28
N ASP A 84 5.18 8.91 -6.04
CA ASP A 84 6.45 8.68 -6.71
C ASP A 84 6.21 7.60 -7.78
N ALA A 86 8.10 6.36 -10.30
CA ALA A 86 9.15 5.34 -10.47
C ALA A 86 8.99 4.26 -9.41
N TYR A 87 8.69 4.69 -8.18
CA TYR A 87 8.47 3.77 -7.06
C TYR A 87 7.23 2.92 -7.28
N PHE A 88 6.12 3.55 -7.69
CA PHE A 88 4.91 2.79 -8.05
C PHE A 88 5.23 1.72 -9.09
N TYR A 89 5.94 2.12 -10.13
CA TYR A 89 6.32 1.22 -11.21
C TYR A 89 7.06 -0.02 -10.68
N ARG A 90 8.05 0.21 -9.82
CA ARG A 90 8.82 -0.89 -9.21
C ARG A 90 7.93 -1.78 -8.35
N GLN A 91 7.10 -1.14 -7.53
CA GLN A 91 6.27 -1.87 -6.57
C GLN A 91 5.17 -2.70 -7.23
N PHE A 92 4.56 -2.16 -8.29
CA PHE A 92 3.54 -2.89 -9.03
C PHE A 92 4.15 -4.14 -9.66
N LYS A 93 5.33 -3.98 -10.27
CA LYS A 93 6.04 -5.11 -10.87
C LYS A 93 6.38 -6.17 -9.83
N LYS A 94 6.85 -5.73 -8.67
CA LYS A 94 7.23 -6.63 -7.57
C LYS A 94 6.05 -7.49 -7.11
N HIS A 95 4.88 -6.88 -6.97
CA HIS A 95 3.73 -7.54 -6.35
C HIS A 95 2.75 -8.24 -7.30
N THR A 96 2.83 -7.94 -8.59
CA THR A 96 1.99 -8.63 -9.58
C THR A 96 2.78 -9.50 -10.55
N GLY A 97 4.09 -9.24 -10.64
CA GLY A 97 4.95 -9.91 -11.61
C GLY A 97 4.94 -9.26 -13.00
N GLU A 98 4.13 -8.22 -13.16
CA GLU A 98 3.95 -7.54 -14.44
C GLU A 98 4.00 -6.02 -14.28
N THR A 99 4.40 -5.31 -15.34
CA THR A 99 4.28 -3.85 -15.34
C THR A 99 2.80 -3.45 -15.36
N PRO A 100 2.47 -2.24 -14.86
CA PRO A 100 1.06 -1.83 -14.84
C PRO A 100 0.36 -1.89 -16.19
N ASN A 101 0.96 -1.34 -17.23
CA ASN A 101 0.25 -1.32 -18.51
C ASN A 101 0.20 -2.68 -19.20
N ARG A 102 1.19 -3.53 -18.92
CA ARG A 102 1.16 -4.94 -19.37
C ARG A 102 0.05 -5.72 -18.66
N TYR A 103 -0.09 -5.51 -17.36
CA TYR A 103 -1.17 -6.12 -16.58
C TYR A 103 -2.52 -5.72 -17.14
N ARG A 104 -2.68 -4.43 -17.41
CA ARG A 104 -3.90 -3.89 -18.02
C ARG A 104 -4.16 -4.54 -19.37
N LYS A 105 -3.10 -4.74 -20.16
CA LYS A 105 -3.20 -5.37 -21.48
C LYS A 105 -3.65 -6.83 -21.41
N ILE A 106 -3.02 -7.62 -20.54
CA ILE A 106 -3.34 -9.04 -20.39
C ILE A 106 -4.77 -9.26 -19.89
N HIS A 107 -5.24 -8.41 -18.97
CA HIS A 107 -6.45 -8.70 -18.20
C HIS A 107 -7.69 -7.85 -18.47
N GLN A 108 -7.53 -6.72 -19.15
CA GLN A 108 -8.68 -5.84 -19.38
C GLN A 108 -9.38 -6.17 -20.68
#